data_5YT0
#
_entry.id   5YT0
#
_cell.length_a   54.720
_cell.length_b   79.016
_cell.length_c   101.510
_cell.angle_alpha   90.00
_cell.angle_beta   90.00
_cell.angle_gamma   90.00
#
_symmetry.space_group_name_H-M   'P 21 21 21'
#
loop_
_entity.id
_entity.type
_entity.pdbx_description
1 polymer 'Probable translation initiation factor IF-2'
2 polymer 'Archaeal ribosomal stalk protein aP1'
3 non-polymer "GUANOSINE-5'-DIPHOSPHATE"
4 water water
#
loop_
_entity_poly.entity_id
_entity_poly.type
_entity_poly.pdbx_seq_one_letter_code
_entity_poly.pdbx_strand_id
1 'polypeptide(L)'
;MAGDKGGGDGERRLRQPIVVVLGHVDHGKTTLLDKIRRTAVAAKEAGGITQHIGASIVPADVIEKIAEPLKKVIPVKLVI
PGLLFIDTPGHELFSNLRRRGGSVADFAILVVDIMEGFKPQTYEALELLKERRVPFLIAANKIDRIPGWKPNPDAPFIET
IRRQDPKVREILEQRVYEIVGKMYEAGLPAELFTRIKDFRRKIAIVPVSARTGEGIPELLAVLAGLTQTYLKERLRYAEG
PAKGVVLEVKEMQGFGTVVDAVIYDGVLKKEDIIVVGGREGPIVTRVRALLMPAPLQDIRSREARFVQVDRVYAAAGVRI
AAPGLDDVIAGSPIYAAESEEEARKLMEAVQREIEELRHHHHHH
;
A
2 'polypeptide(L)' KKKKKKEEEVDLSGLSGMFGF B
#
# COMPACT_ATOMS: atom_id res chain seq x y z
N LEU A 14 -10.10 11.14 8.89
CA LEU A 14 -9.46 9.89 8.34
C LEU A 14 -8.05 10.16 8.08
N ARG A 15 -7.22 9.10 8.20
CA ARG A 15 -5.88 9.19 7.78
C ARG A 15 -5.69 8.39 6.39
N GLN A 16 -4.46 8.39 5.87
CA GLN A 16 -4.19 7.78 4.53
C GLN A 16 -4.23 6.29 4.69
N PRO A 17 -4.91 5.58 3.79
CA PRO A 17 -4.71 4.14 3.67
C PRO A 17 -3.25 3.90 3.35
N ILE A 18 -2.77 2.83 3.96
CA ILE A 18 -1.49 2.20 3.78
C ILE A 18 -1.56 0.98 2.82
N VAL A 19 -0.90 1.18 1.64
CA VAL A 19 -0.97 0.25 0.54
C VAL A 19 0.34 -0.49 0.26
N VAL A 20 0.23 -1.82 0.20
CA VAL A 20 1.37 -2.70 -0.07
C VAL A 20 1.22 -3.33 -1.43
N VAL A 21 2.33 -3.56 -2.05
CA VAL A 21 2.34 -4.19 -3.44
C VAL A 21 3.00 -5.55 -3.42
N LEU A 22 2.24 -6.54 -3.79
CA LEU A 22 2.68 -7.93 -3.85
C LEU A 22 2.65 -8.51 -5.30
N GLY A 23 3.32 -9.64 -5.48
CA GLY A 23 3.26 -10.37 -6.72
C GLY A 23 4.60 -11.02 -7.08
N HIS A 24 4.57 -11.83 -8.15
CA HIS A 24 5.81 -12.60 -8.52
C HIS A 24 6.91 -11.76 -9.07
N VAL A 25 8.14 -12.24 -8.77
CA VAL A 25 9.24 -11.62 -9.35
C VAL A 25 9.19 -11.38 -10.84
N ASP A 26 9.54 -10.19 -11.23
CA ASP A 26 9.59 -9.68 -12.59
C ASP A 26 8.19 -9.34 -13.14
N HIS A 27 7.16 -9.39 -12.29
CA HIS A 27 5.80 -9.05 -12.85
C HIS A 27 5.51 -7.54 -12.93
N GLY A 28 6.39 -6.75 -12.29
CA GLY A 28 6.37 -5.30 -12.44
C GLY A 28 6.07 -4.52 -11.18
N LYS A 29 6.35 -5.08 -9.95
CA LYS A 29 6.01 -4.38 -8.78
C LYS A 29 6.74 -3.04 -8.66
N THR A 30 8.07 -3.15 -8.73
CA THR A 30 8.92 -1.96 -8.61
C THR A 30 8.59 -0.89 -9.59
N THR A 31 8.37 -1.35 -10.82
CA THR A 31 8.00 -0.48 -11.94
C THR A 31 6.69 0.26 -11.74
N LEU A 32 5.71 -0.47 -11.31
CA LEU A 32 4.42 0.08 -11.02
C LEU A 32 4.53 1.14 -9.92
N LEU A 33 5.23 0.87 -8.83
CA LEU A 33 5.28 1.83 -7.78
C LEU A 33 5.99 3.10 -8.32
N ASP A 34 7.05 2.93 -9.10
CA ASP A 34 7.80 4.05 -9.61
C ASP A 34 6.90 4.87 -10.61
N LYS A 35 6.05 4.17 -11.39
CA LYS A 35 5.14 4.89 -12.36
C LYS A 35 4.15 5.72 -11.63
N ILE A 36 3.62 5.16 -10.54
CA ILE A 36 2.65 5.88 -9.74
C ILE A 36 3.28 7.18 -9.22
N ARG A 37 4.44 7.03 -8.55
CA ARG A 37 5.16 8.15 -7.96
C ARG A 37 5.44 9.23 -9.07
N ARG A 38 5.92 8.80 -10.23
CA ARG A 38 6.24 9.71 -11.38
C ARG A 38 5.01 10.43 -11.90
N THR A 39 3.88 9.78 -11.90
CA THR A 39 2.62 10.30 -12.33
C THR A 39 2.13 11.35 -11.37
N ALA A 40 2.25 11.11 -10.04
CA ALA A 40 1.93 12.00 -8.98
C ALA A 40 2.90 13.21 -9.03
N VAL A 41 4.23 13.02 -9.18
CA VAL A 41 5.21 14.14 -9.25
C VAL A 41 4.90 15.07 -10.41
N ALA A 42 4.57 14.50 -11.57
CA ALA A 42 4.06 15.26 -12.72
C ALA A 42 2.67 15.96 -12.60
N ALA A 43 1.76 15.52 -11.75
CA ALA A 43 0.47 16.15 -11.66
C ALA A 43 0.53 17.56 -11.02
N LYS A 44 1.63 17.96 -10.38
CA LYS A 44 1.53 19.18 -9.54
C LYS A 44 2.73 20.11 -9.45
N GLY A 48 3.91 17.11 -5.51
CA GLY A 48 3.28 16.00 -6.34
C GLY A 48 3.16 14.74 -5.43
N ILE A 49 4.27 14.34 -4.85
CA ILE A 49 4.27 13.23 -3.83
C ILE A 49 4.62 13.97 -2.52
N THR A 50 4.36 13.36 -1.38
CA THR A 50 5.19 13.62 -0.13
C THR A 50 6.10 12.54 0.22
N GLN A 51 7.30 13.03 0.47
CA GLN A 51 8.49 12.33 0.81
C GLN A 51 8.49 11.80 2.24
N HIS A 52 8.40 10.47 2.38
CA HIS A 52 8.44 9.81 3.70
C HIS A 52 9.55 8.82 3.61
N ILE A 53 10.02 8.29 4.72
CA ILE A 53 11.01 7.25 4.75
C ILE A 53 10.32 5.92 4.37
N GLY A 54 10.80 5.30 3.28
CA GLY A 54 10.30 4.00 2.87
C GLY A 54 8.91 3.96 2.25
N ALA A 55 8.38 5.13 1.87
CA ALA A 55 7.00 5.25 1.52
C ALA A 55 6.88 6.57 0.78
N SER A 56 5.85 6.62 0.00
CA SER A 56 5.48 7.86 -0.70
C SER A 56 4.01 8.10 -0.58
N ILE A 57 3.60 9.34 -0.36
CA ILE A 57 2.23 9.70 -0.23
C ILE A 57 1.75 10.38 -1.52
N VAL A 58 0.69 9.88 -2.01
CA VAL A 58 -0.05 10.60 -3.11
C VAL A 58 -1.20 11.33 -2.45
N PRO A 59 -1.12 12.70 -2.44
CA PRO A 59 -2.19 13.47 -1.81
C PRO A 59 -3.52 13.38 -2.54
N ALA A 60 -4.59 13.58 -1.79
CA ALA A 60 -5.99 13.43 -2.37
C ALA A 60 -6.21 14.36 -3.58
N ASP A 61 -5.65 15.55 -3.46
CA ASP A 61 -5.70 16.52 -4.59
C ASP A 61 -5.10 16.00 -5.84
N VAL A 62 -3.99 15.26 -5.73
CA VAL A 62 -3.27 14.71 -6.83
C VAL A 62 -3.98 13.52 -7.39
N ILE A 63 -4.51 12.71 -6.49
CA ILE A 63 -5.36 11.57 -6.95
C ILE A 63 -6.58 12.11 -7.76
N GLU A 64 -7.21 13.18 -7.27
CA GLU A 64 -8.34 13.83 -7.97
C GLU A 64 -7.89 14.38 -9.32
N LYS A 65 -6.72 14.94 -9.43
CA LYS A 65 -6.20 15.36 -10.69
C LYS A 65 -5.92 14.25 -11.68
N ILE A 66 -5.35 13.14 -11.22
CA ILE A 66 -5.02 12.03 -12.07
C ILE A 66 -6.33 11.33 -12.55
N ALA A 67 -7.33 11.31 -11.71
CA ALA A 67 -8.66 10.68 -11.97
C ALA A 67 -9.63 11.60 -12.79
N GLU A 68 -9.17 12.81 -13.07
CA GLU A 68 -10.05 13.83 -13.79
C GLU A 68 -10.72 13.26 -15.08
N PRO A 69 -9.99 12.53 -15.91
CA PRO A 69 -10.78 11.98 -17.04
C PRO A 69 -11.89 11.02 -16.76
N LEU A 70 -12.02 10.51 -15.54
CA LEU A 70 -13.06 9.64 -15.16
C LEU A 70 -14.19 10.34 -14.49
N LYS A 71 -14.14 11.68 -14.33
CA LYS A 71 -15.13 12.43 -13.49
C LYS A 71 -16.61 12.31 -13.86
N LYS A 72 -16.88 12.08 -15.10
CA LYS A 72 -18.23 11.87 -15.59
C LYS A 72 -18.78 10.46 -15.56
N VAL A 73 -17.91 9.48 -15.32
CA VAL A 73 -18.33 8.16 -15.29
C VAL A 73 -18.48 7.60 -13.91
N ILE A 74 -17.56 8.05 -13.02
CA ILE A 74 -17.54 7.75 -11.63
C ILE A 74 -17.37 9.02 -10.82
N PRO A 75 -17.91 9.00 -9.61
CA PRO A 75 -17.63 10.08 -8.62
C PRO A 75 -16.17 10.04 -8.19
N VAL A 76 -15.45 11.11 -8.21
CA VAL A 76 -14.04 11.05 -7.97
C VAL A 76 -13.74 11.86 -6.70
N LYS A 77 -14.73 12.15 -5.88
CA LYS A 77 -14.47 13.02 -4.76
C LYS A 77 -13.87 12.27 -3.53
N LEU A 78 -12.75 12.72 -3.02
CA LEU A 78 -12.05 11.99 -1.94
C LEU A 78 -12.34 12.61 -0.54
N VAL A 79 -12.62 11.77 0.42
CA VAL A 79 -12.64 12.11 1.82
C VAL A 79 -11.42 11.52 2.55
N ILE A 80 -10.63 10.63 1.92
CA ILE A 80 -9.29 10.39 2.48
C ILE A 80 -8.38 11.45 2.12
N PRO A 81 -7.38 11.65 2.95
CA PRO A 81 -6.44 12.68 2.65
C PRO A 81 -5.37 12.39 1.64
N GLY A 82 -5.22 11.06 1.32
CA GLY A 82 -4.22 10.66 0.40
C GLY A 82 -4.07 9.15 0.52
N LEU A 83 -3.19 8.60 -0.28
CA LEU A 83 -2.76 7.17 -0.14
C LEU A 83 -1.28 7.06 0.13
N LEU A 84 -0.86 6.22 1.11
CA LEU A 84 0.54 6.05 1.43
C LEU A 84 0.97 4.72 0.76
N PHE A 85 1.90 4.76 -0.19
CA PHE A 85 2.39 3.52 -0.81
C PHE A 85 3.72 3.13 -0.18
N ILE A 86 3.77 1.90 0.32
CA ILE A 86 5.02 1.40 0.83
C ILE A 86 5.93 1.16 -0.31
N ASP A 87 7.08 1.73 -0.25
CA ASP A 87 7.92 1.68 -1.40
C ASP A 87 8.68 0.35 -1.65
N THR A 88 8.81 -0.48 -0.65
CA THR A 88 9.37 -1.84 -0.84
C THR A 88 8.26 -2.85 -1.03
N PRO A 89 8.26 -3.52 -2.18
CA PRO A 89 7.21 -4.51 -2.47
C PRO A 89 7.59 -5.88 -1.99
N GLY A 90 6.63 -6.73 -1.89
CA GLY A 90 6.85 -8.16 -1.85
C GLY A 90 6.67 -8.77 -0.47
N HIS A 91 7.08 -10.02 -0.37
CA HIS A 91 6.56 -10.83 0.71
C HIS A 91 7.27 -10.59 2.05
N GLU A 92 8.55 -10.38 2.04
CA GLU A 92 9.27 -10.10 3.30
C GLU A 92 8.78 -8.80 3.94
N LEU A 93 8.53 -7.78 3.11
CA LEU A 93 7.95 -6.54 3.68
C LEU A 93 6.58 -6.76 4.17
N PHE A 94 5.76 -7.48 3.40
CA PHE A 94 4.47 -7.80 3.90
C PHE A 94 4.42 -8.55 5.23
N SER A 95 5.29 -9.55 5.35
CA SER A 95 5.48 -10.18 6.68
C SER A 95 5.84 -9.20 7.88
N ASN A 96 6.67 -8.19 7.57
CA ASN A 96 6.94 -7.10 8.49
C ASN A 96 5.81 -6.06 8.73
N LEU A 97 4.64 -6.24 8.14
CA LEU A 97 3.50 -5.40 8.41
C LEU A 97 2.53 -6.15 9.23
N ARG A 98 2.79 -7.41 9.62
CA ARG A 98 1.76 -8.11 10.33
C ARG A 98 1.70 -7.49 11.72
N ARG A 99 0.52 -7.49 12.26
CA ARG A 99 0.29 -7.08 13.63
C ARG A 99 -0.85 -7.88 14.22
N ARG A 100 -0.97 -7.88 15.53
CA ARG A 100 -1.99 -8.74 16.19
C ARG A 100 -3.39 -8.65 15.56
N GLY A 102 -4.16 -9.11 12.28
CA GLY A 102 -4.19 -8.70 10.81
C GLY A 102 -2.87 -8.06 10.34
N SER A 103 -2.95 -6.87 9.77
CA SER A 103 -1.79 -6.21 9.16
C SER A 103 -1.96 -4.75 9.44
N VAL A 104 -0.86 -4.01 9.30
CA VAL A 104 -0.84 -2.59 9.26
C VAL A 104 -1.29 -2.09 7.85
N ALA A 105 -1.06 -2.91 6.89
CA ALA A 105 -1.49 -2.60 5.49
C ALA A 105 -3.01 -2.52 5.54
N ASP A 106 -3.56 -1.48 4.89
CA ASP A 106 -5.00 -1.44 4.72
C ASP A 106 -5.53 -2.11 3.39
N PHE A 107 -4.66 -2.17 2.38
CA PHE A 107 -5.07 -2.59 1.09
C PHE A 107 -3.86 -3.01 0.32
N ALA A 108 -3.99 -4.02 -0.56
CA ALA A 108 -2.86 -4.44 -1.30
C ALA A 108 -3.14 -4.35 -2.83
N ILE A 109 -2.13 -4.12 -3.60
CA ILE A 109 -2.16 -4.34 -5.02
C ILE A 109 -1.42 -5.68 -5.33
N LEU A 110 -2.12 -6.64 -5.90
CA LEU A 110 -1.49 -7.88 -6.35
C LEU A 110 -1.18 -7.75 -7.83
N VAL A 111 0.09 -7.67 -8.18
CA VAL A 111 0.55 -7.39 -9.51
C VAL A 111 0.67 -8.75 -10.13
N VAL A 112 0.01 -8.96 -11.30
CA VAL A 112 0.19 -10.12 -12.15
C VAL A 112 0.54 -9.69 -13.55
N ASP A 113 1.62 -10.23 -14.10
CA ASP A 113 2.02 -9.95 -15.51
C ASP A 113 0.96 -10.67 -16.36
N ILE A 114 0.19 -9.88 -17.09
CA ILE A 114 -0.93 -10.41 -17.87
C ILE A 114 -0.58 -11.50 -18.94
N MET A 115 0.61 -11.42 -19.47
CA MET A 115 1.16 -12.38 -20.45
C MET A 115 1.51 -13.70 -19.77
N GLU A 116 2.07 -13.62 -18.56
CA GLU A 116 2.51 -14.80 -17.88
C GLU A 116 1.46 -15.51 -17.04
N GLY A 117 0.53 -14.77 -16.42
CA GLY A 117 -0.35 -15.29 -15.48
C GLY A 117 0.24 -15.53 -14.09
N PHE A 118 -0.54 -16.19 -13.28
CA PHE A 118 -0.25 -16.54 -11.90
C PHE A 118 1.05 -17.40 -11.98
N LYS A 119 1.95 -17.09 -11.12
CA LYS A 119 3.24 -17.85 -10.85
C LYS A 119 3.30 -18.14 -9.37
N PRO A 120 4.27 -18.98 -8.90
CA PRO A 120 4.33 -19.44 -7.51
C PRO A 120 4.24 -18.32 -6.43
N GLN A 121 4.90 -17.22 -6.66
CA GLN A 121 4.84 -16.12 -5.66
C GLN A 121 3.49 -15.37 -5.69
N THR A 122 2.77 -15.43 -6.82
CA THR A 122 1.36 -15.01 -6.84
C THR A 122 0.49 -15.75 -5.90
N TYR A 123 0.65 -17.10 -5.83
CA TYR A 123 -0.11 -17.89 -4.88
C TYR A 123 0.36 -17.75 -3.51
N GLU A 124 1.67 -17.50 -3.25
CA GLU A 124 2.06 -17.25 -1.90
C GLU A 124 1.36 -15.94 -1.38
N ALA A 125 1.39 -14.92 -2.22
CA ALA A 125 0.82 -13.63 -1.85
C ALA A 125 -0.65 -13.84 -1.53
N LEU A 126 -1.39 -14.63 -2.35
CA LEU A 126 -2.78 -14.95 -2.00
C LEU A 126 -2.99 -15.54 -0.63
N GLU A 127 -2.19 -16.55 -0.33
CA GLU A 127 -2.27 -17.11 1.08
C GLU A 127 -2.05 -16.11 2.15
N LEU A 128 -1.04 -15.17 1.95
CA LEU A 128 -0.71 -14.23 3.01
C LEU A 128 -1.86 -13.27 3.12
N LEU A 129 -2.42 -12.86 1.98
CA LEU A 129 -3.54 -11.92 2.00
C LEU A 129 -4.76 -12.47 2.73
N LYS A 130 -5.02 -13.72 2.41
CA LYS A 130 -6.15 -14.45 3.07
C LYS A 130 -5.94 -14.55 4.55
N GLU A 131 -4.77 -15.02 4.94
CA GLU A 131 -4.50 -15.20 6.38
C GLU A 131 -4.60 -13.90 7.18
N ARG A 132 -4.14 -12.79 6.63
CA ARG A 132 -4.18 -11.55 7.30
C ARG A 132 -5.39 -10.72 7.01
N ARG A 133 -6.31 -11.19 6.13
CA ARG A 133 -7.57 -10.52 5.77
C ARG A 133 -7.35 -9.17 5.22
N VAL A 134 -6.36 -9.07 4.35
CA VAL A 134 -6.07 -7.74 3.81
C VAL A 134 -6.90 -7.69 2.47
N PRO A 135 -7.71 -6.68 2.29
CA PRO A 135 -8.47 -6.54 1.04
C PRO A 135 -7.49 -6.15 -0.06
N PHE A 136 -7.87 -6.49 -1.29
CA PHE A 136 -6.94 -6.18 -2.37
C PHE A 136 -7.64 -6.09 -3.71
N LEU A 137 -6.87 -5.68 -4.70
CA LEU A 137 -7.24 -5.73 -6.10
C LEU A 137 -6.05 -6.31 -6.88
N ILE A 138 -6.30 -6.75 -8.12
CA ILE A 138 -5.27 -7.23 -9.02
C ILE A 138 -4.96 -6.27 -10.08
N ALA A 139 -3.68 -5.94 -10.23
CA ALA A 139 -3.18 -5.06 -11.33
C ALA A 139 -2.60 -5.99 -12.37
N ALA A 140 -3.30 -6.11 -13.49
CA ALA A 140 -2.91 -7.02 -14.55
C ALA A 140 -2.02 -6.26 -15.46
N ASN A 141 -0.72 -6.32 -15.16
CA ASN A 141 0.30 -5.40 -15.68
C ASN A 141 0.90 -5.88 -17.01
N LYS A 142 1.62 -5.01 -17.68
CA LYS A 142 2.31 -5.28 -19.00
C LYS A 142 1.27 -5.47 -20.16
N ILE A 143 0.13 -4.74 -20.04
CA ILE A 143 -0.84 -4.88 -21.14
C ILE A 143 -0.18 -4.36 -22.47
N ASP A 144 0.81 -3.44 -22.39
CA ASP A 144 1.60 -2.96 -23.54
C ASP A 144 2.31 -4.04 -24.35
N ARG A 145 2.52 -5.20 -23.78
CA ARG A 145 3.15 -6.37 -24.35
C ARG A 145 2.12 -7.28 -25.07
N ILE A 146 0.85 -7.01 -25.05
CA ILE A 146 -0.15 -7.76 -25.84
C ILE A 146 0.18 -7.49 -27.32
N PRO A 147 0.34 -8.54 -28.12
CA PRO A 147 0.62 -8.32 -29.57
C PRO A 147 -0.35 -7.40 -30.21
N GLY A 148 0.12 -6.33 -30.83
CA GLY A 148 -0.72 -5.31 -31.45
C GLY A 148 -0.99 -4.03 -30.71
N TRP A 149 -0.63 -4.00 -29.40
CA TRP A 149 -0.92 -2.86 -28.56
C TRP A 149 -0.28 -1.63 -29.09
N LYS A 150 -1.00 -0.57 -29.14
CA LYS A 150 -0.49 0.69 -29.57
C LYS A 150 -0.73 1.64 -28.46
N PRO A 151 0.35 2.19 -27.82
CA PRO A 151 0.06 2.92 -26.59
C PRO A 151 -0.49 4.28 -26.71
N ASN A 152 -1.36 4.63 -25.76
CA ASN A 152 -1.75 5.98 -25.47
C ASN A 152 -1.25 6.34 -24.08
N PRO A 153 -0.08 6.98 -23.98
CA PRO A 153 0.50 7.10 -22.65
C PRO A 153 -0.30 7.82 -21.68
N ASP A 154 -0.24 7.27 -20.45
CA ASP A 154 -0.93 7.76 -19.31
C ASP A 154 -2.46 7.71 -19.33
N ALA A 155 -3.04 7.15 -20.36
CA ALA A 155 -4.48 7.27 -20.55
C ALA A 155 -5.23 6.30 -19.59
N PRO A 156 -6.49 6.56 -19.30
CA PRO A 156 -7.29 5.55 -18.54
C PRO A 156 -7.48 4.33 -19.34
N PHE A 157 -7.52 3.19 -18.70
CA PHE A 157 -7.70 1.99 -19.35
C PHE A 157 -8.96 2.06 -20.29
N ILE A 158 -10.02 2.56 -19.73
CA ILE A 158 -11.31 2.49 -20.55
C ILE A 158 -11.18 3.33 -21.84
N GLU A 159 -10.33 4.36 -21.83
CA GLU A 159 -10.04 5.17 -23.10
C GLU A 159 -9.11 4.49 -24.06
N THR A 160 -7.96 4.01 -23.58
CA THR A 160 -7.06 3.31 -24.45
C THR A 160 -7.52 1.97 -25.02
N ILE A 161 -8.31 1.15 -24.31
CA ILE A 161 -8.66 -0.10 -24.86
C ILE A 161 -9.63 0.06 -26.08
N ARG A 162 -10.35 1.15 -26.07
CA ARG A 162 -11.34 1.57 -27.14
C ARG A 162 -10.58 1.84 -28.42
N ARG A 163 -9.32 2.27 -28.27
CA ARG A 163 -8.40 2.45 -29.40
C ARG A 163 -7.44 1.31 -29.77
N GLN A 164 -7.65 0.14 -29.32
CA GLN A 164 -6.82 -0.91 -29.67
C GLN A 164 -7.57 -1.77 -30.78
N ASP A 165 -6.84 -2.54 -31.55
CA ASP A 165 -7.45 -3.51 -32.49
C ASP A 165 -8.34 -4.54 -31.76
N PRO A 166 -9.36 -5.05 -32.45
CA PRO A 166 -10.27 -5.87 -31.71
C PRO A 166 -9.67 -7.14 -31.28
N LYS A 167 -8.67 -7.63 -32.05
CA LYS A 167 -7.97 -8.81 -31.63
C LYS A 167 -7.19 -8.48 -30.22
N VAL A 168 -6.88 -7.23 -30.02
CA VAL A 168 -6.11 -6.91 -28.83
C VAL A 168 -7.03 -7.09 -27.60
N ARG A 169 -8.25 -6.55 -27.69
CA ARG A 169 -9.25 -6.74 -26.67
C ARG A 169 -9.57 -8.19 -26.47
N GLU A 170 -9.67 -8.98 -27.56
CA GLU A 170 -9.91 -10.42 -27.44
C GLU A 170 -8.73 -11.14 -26.70
N ILE A 171 -7.48 -10.89 -27.01
CA ILE A 171 -6.41 -11.49 -26.24
C ILE A 171 -6.43 -11.08 -24.69
N LEU A 172 -6.55 -9.81 -24.48
CA LEU A 172 -6.70 -9.27 -23.11
C LEU A 172 -7.78 -9.96 -22.31
N GLU A 173 -9.01 -10.10 -22.86
CA GLU A 173 -10.11 -10.85 -22.22
C GLU A 173 -9.80 -12.36 -22.02
N GLN A 174 -8.98 -12.95 -22.90
CA GLN A 174 -8.63 -14.39 -22.69
C GLN A 174 -7.69 -14.48 -21.45
N ARG A 175 -6.75 -13.53 -21.36
CA ARG A 175 -5.79 -13.51 -20.21
C ARG A 175 -6.47 -13.18 -18.95
N VAL A 176 -7.35 -12.16 -18.97
CA VAL A 176 -8.18 -11.88 -17.81
C VAL A 176 -9.04 -13.09 -17.37
N TYR A 177 -9.60 -13.77 -18.35
CA TYR A 177 -10.46 -14.98 -18.03
C TYR A 177 -9.62 -16.04 -17.32
N GLU A 178 -8.40 -16.21 -17.77
CA GLU A 178 -7.46 -17.15 -17.08
C GLU A 178 -7.25 -16.75 -15.68
N ILE A 179 -7.03 -15.45 -15.44
CA ILE A 179 -6.90 -14.96 -14.04
C ILE A 179 -8.10 -15.21 -13.29
N VAL A 180 -9.29 -14.89 -13.82
CA VAL A 180 -10.53 -15.11 -13.13
C VAL A 180 -10.70 -16.64 -12.73
N GLY A 181 -10.30 -17.48 -13.64
CA GLY A 181 -10.29 -18.98 -13.38
C GLY A 181 -9.41 -19.40 -12.21
N LYS A 182 -8.17 -18.88 -12.14
CA LYS A 182 -7.30 -19.16 -11.00
C LYS A 182 -7.83 -18.68 -9.75
N MET A 183 -8.44 -17.48 -9.75
CA MET A 183 -8.90 -16.87 -8.55
C MET A 183 -10.07 -17.71 -7.98
N TYR A 184 -11.03 -18.04 -8.87
CA TYR A 184 -12.23 -18.84 -8.46
C TYR A 184 -11.70 -20.16 -7.84
N GLU A 185 -10.79 -20.83 -8.50
CA GLU A 185 -10.13 -22.03 -7.94
C GLU A 185 -9.55 -21.79 -6.62
N ALA A 186 -9.18 -20.56 -6.31
CA ALA A 186 -8.64 -20.28 -5.00
C ALA A 186 -9.62 -19.81 -4.00
N GLY A 187 -10.89 -19.86 -4.33
CA GLY A 187 -11.91 -19.39 -3.38
C GLY A 187 -12.28 -17.96 -3.42
N LEU A 188 -11.82 -17.24 -4.46
CA LEU A 188 -11.88 -15.76 -4.41
C LEU A 188 -12.54 -15.33 -5.76
N PRO A 189 -13.71 -14.82 -5.69
CA PRO A 189 -14.32 -14.37 -6.93
C PRO A 189 -13.60 -13.04 -7.34
N ALA A 190 -13.36 -12.94 -8.62
CA ALA A 190 -12.70 -11.81 -9.21
C ALA A 190 -13.31 -11.51 -10.58
N GLU A 191 -13.14 -10.29 -11.09
CA GLU A 191 -13.61 -10.00 -12.46
C GLU A 191 -12.92 -8.73 -12.97
N LEU A 192 -12.85 -8.58 -14.24
CA LEU A 192 -12.49 -7.29 -14.84
C LEU A 192 -13.26 -6.22 -14.17
N PHE A 193 -12.61 -5.09 -13.84
CA PHE A 193 -13.22 -4.10 -13.08
C PHE A 193 -14.45 -3.46 -13.77
N THR A 194 -14.57 -3.62 -15.08
CA THR A 194 -15.67 -2.96 -15.79
C THR A 194 -16.85 -4.00 -15.94
N ARG A 195 -16.77 -5.09 -15.20
CA ARG A 195 -17.83 -6.11 -15.16
C ARG A 195 -18.31 -6.46 -13.76
N ILE A 196 -18.10 -5.58 -12.86
CA ILE A 196 -18.50 -5.68 -11.46
C ILE A 196 -19.54 -4.69 -11.11
N LYS A 197 -20.56 -5.21 -10.43
CA LYS A 197 -21.64 -4.37 -9.86
C LYS A 197 -21.51 -4.11 -8.42
N ASP A 198 -20.94 -5.06 -7.71
CA ASP A 198 -20.76 -4.95 -6.24
C ASP A 198 -19.28 -5.23 -5.91
N PHE A 199 -18.62 -4.11 -5.67
CA PHE A 199 -17.12 -4.13 -5.39
C PHE A 199 -16.83 -4.68 -4.01
N ARG A 200 -17.82 -4.85 -3.15
CA ARG A 200 -17.62 -5.72 -1.96
C ARG A 200 -17.58 -7.15 -2.24
N ARG A 201 -18.13 -7.62 -3.33
CA ARG A 201 -18.19 -9.08 -3.53
C ARG A 201 -17.24 -9.74 -4.48
N LYS A 202 -16.58 -8.91 -5.35
CA LYS A 202 -15.69 -9.47 -6.32
C LYS A 202 -14.36 -8.64 -6.31
N ILE A 203 -13.25 -9.33 -6.48
CA ILE A 203 -11.96 -8.66 -6.46
C ILE A 203 -11.85 -8.02 -7.87
N ALA A 204 -11.45 -6.76 -7.90
CA ALA A 204 -11.34 -6.06 -9.18
C ALA A 204 -10.02 -6.38 -9.88
N ILE A 205 -10.03 -6.69 -11.19
CA ILE A 205 -8.84 -6.90 -11.99
C ILE A 205 -8.79 -5.57 -12.83
N VAL A 206 -7.71 -4.85 -12.69
CA VAL A 206 -7.49 -3.61 -13.36
C VAL A 206 -6.25 -3.77 -14.27
N PRO A 207 -6.46 -3.76 -15.58
CA PRO A 207 -5.35 -3.86 -16.48
C PRO A 207 -4.58 -2.59 -16.58
N VAL A 208 -3.23 -2.68 -16.49
CA VAL A 208 -2.40 -1.48 -16.48
C VAL A 208 -1.12 -1.78 -17.28
N SER A 209 -0.45 -0.71 -17.54
CA SER A 209 1.01 -0.79 -17.99
C SER A 209 1.89 0.10 -17.15
N ALA A 210 2.69 -0.54 -16.33
CA ALA A 210 3.65 0.22 -15.50
C ALA A 210 4.76 0.90 -16.35
N ARG A 211 4.90 0.48 -17.60
CA ARG A 211 5.77 1.22 -18.63
C ARG A 211 5.06 2.50 -19.10
N THR A 212 3.88 2.39 -19.74
CA THR A 212 3.24 3.55 -20.32
C THR A 212 2.34 4.36 -19.50
N GLY A 213 1.94 3.86 -18.31
CA GLY A 213 0.98 4.53 -17.53
C GLY A 213 -0.48 4.28 -17.82
N GLU A 214 -0.78 3.53 -18.88
CA GLU A 214 -2.19 3.25 -19.27
C GLU A 214 -2.83 2.48 -18.12
N GLY A 215 -4.00 2.86 -17.70
CA GLY A 215 -4.71 2.21 -16.59
C GLY A 215 -4.37 2.72 -15.26
N ILE A 216 -3.33 3.57 -15.11
CA ILE A 216 -3.01 4.12 -13.80
C ILE A 216 -4.15 4.95 -13.27
N PRO A 217 -4.91 5.72 -14.11
CA PRO A 217 -6.02 6.42 -13.53
C PRO A 217 -7.18 5.55 -12.86
N GLU A 218 -7.55 4.46 -13.50
CA GLU A 218 -8.51 3.57 -12.89
C GLU A 218 -7.91 2.94 -11.63
N LEU A 219 -6.68 2.52 -11.79
CA LEU A 219 -5.94 1.92 -10.65
C LEU A 219 -6.14 2.82 -9.42
N LEU A 220 -5.76 4.09 -9.49
CA LEU A 220 -5.85 5.02 -8.40
C LEU A 220 -7.22 5.31 -7.98
N ALA A 221 -8.13 5.47 -8.91
CA ALA A 221 -9.57 5.65 -8.58
C ALA A 221 -10.24 4.44 -7.89
N VAL A 222 -9.86 3.22 -8.21
CA VAL A 222 -10.39 2.07 -7.56
C VAL A 222 -9.81 2.03 -6.15
N LEU A 223 -8.54 2.15 -6.04
CA LEU A 223 -7.93 2.09 -4.66
C LEU A 223 -8.57 3.11 -3.75
N ALA A 224 -8.62 4.37 -4.20
CA ALA A 224 -9.20 5.40 -3.42
C ALA A 224 -10.63 5.21 -3.08
N GLY A 225 -11.42 4.75 -4.06
CA GLY A 225 -12.85 4.38 -3.95
C GLY A 225 -13.16 3.31 -2.98
N LEU A 226 -12.41 2.25 -3.04
CA LEU A 226 -12.63 1.17 -2.20
C LEU A 226 -12.20 1.42 -0.74
N THR A 227 -11.08 2.09 -0.56
CA THR A 227 -10.59 2.28 0.78
C THR A 227 -11.48 3.29 1.51
N GLN A 228 -11.79 4.39 0.84
CA GLN A 228 -12.51 5.40 1.54
C GLN A 228 -13.99 4.96 1.75
N THR A 229 -14.49 4.09 0.91
CA THR A 229 -15.87 3.65 1.04
C THR A 229 -16.08 2.63 2.19
N TYR A 230 -15.20 1.61 2.26
CA TYR A 230 -15.40 0.40 3.02
C TYR A 230 -14.52 0.34 4.29
N LEU A 231 -13.49 1.17 4.44
CA LEU A 231 -12.49 1.02 5.54
C LEU A 231 -12.50 2.19 6.49
N LYS A 232 -13.59 2.99 6.54
CA LYS A 232 -13.53 4.24 7.25
C LYS A 232 -13.24 3.98 8.79
N GLU A 233 -13.67 2.83 9.29
CA GLU A 233 -13.46 2.46 10.76
C GLU A 233 -11.98 2.25 11.00
N ARG A 234 -11.22 1.59 10.12
CA ARG A 234 -9.79 1.54 10.33
C ARG A 234 -9.03 2.75 10.08
N LEU A 235 -9.50 3.66 9.20
CA LEU A 235 -8.81 4.81 8.81
C LEU A 235 -9.02 6.05 9.70
N ARG A 236 -9.85 5.89 10.71
CA ARG A 236 -10.13 6.97 11.67
C ARG A 236 -8.85 7.37 12.40
N TYR A 237 -8.48 8.63 12.33
CA TYR A 237 -7.33 9.12 13.05
C TYR A 237 -7.77 9.28 14.55
N ALA A 238 -7.09 8.70 15.54
CA ALA A 238 -7.35 9.01 17.02
C ALA A 238 -6.09 9.67 17.56
N GLU A 239 -6.25 10.87 18.08
CA GLU A 239 -5.18 11.64 18.69
C GLU A 239 -4.73 10.81 19.94
N GLY A 240 -3.46 10.56 20.09
CA GLY A 240 -3.00 9.67 21.11
C GLY A 240 -1.54 9.35 20.80
N PRO A 241 -0.87 8.64 21.71
CA PRO A 241 0.50 8.25 21.50
C PRO A 241 0.51 7.29 20.22
N ALA A 242 1.58 7.37 19.46
CA ALA A 242 1.74 6.70 18.21
C ALA A 242 1.71 5.23 18.38
N LYS A 243 1.18 4.56 17.37
CA LYS A 243 1.30 3.12 17.23
C LYS A 243 1.88 2.85 15.83
N GLY A 244 2.84 1.91 15.75
CA GLY A 244 3.59 1.72 14.47
C GLY A 244 4.15 0.34 14.37
N VAL A 245 4.91 0.16 13.30
CA VAL A 245 5.63 -1.10 13.09
C VAL A 245 7.00 -0.77 12.61
N VAL A 246 8.00 -1.58 12.95
CA VAL A 246 9.36 -1.42 12.42
C VAL A 246 9.48 -2.14 11.09
N LEU A 247 9.93 -1.44 10.11
CA LEU A 247 10.23 -2.12 8.81
C LEU A 247 11.65 -2.47 8.54
N GLU A 248 12.58 -1.66 8.95
CA GLU A 248 13.96 -1.99 8.84
C GLU A 248 14.74 -1.50 10.04
N VAL A 249 15.86 -2.14 10.26
CA VAL A 249 16.85 -1.82 11.30
C VAL A 249 18.17 -1.59 10.56
N LYS A 250 18.78 -0.44 10.72
CA LYS A 250 20.04 -0.21 10.12
C LYS A 250 20.85 0.77 10.84
N GLU A 251 22.11 0.81 10.46
CA GLU A 251 23.12 1.67 11.06
C GLU A 251 23.11 2.93 10.34
N MET A 252 23.18 4.04 11.02
CA MET A 252 23.16 5.31 10.29
C MET A 252 24.26 6.18 10.92
N GLN A 253 25.12 6.72 10.06
CA GLN A 253 26.30 7.40 10.56
C GLN A 253 25.85 8.69 11.22
N GLY A 254 26.31 8.86 12.46
CA GLY A 254 25.90 9.98 13.28
C GLY A 254 24.64 9.80 14.12
N PHE A 255 24.08 8.56 14.21
CA PHE A 255 22.85 8.26 14.94
C PHE A 255 22.83 6.86 15.43
N GLY A 256 23.84 6.02 15.13
CA GLY A 256 23.84 4.59 15.45
C GLY A 256 22.73 3.79 14.78
N THR A 257 22.26 2.74 15.43
CA THR A 257 21.21 1.96 14.90
C THR A 257 19.93 2.78 14.98
N VAL A 258 19.28 2.89 13.82
CA VAL A 258 18.03 3.59 13.67
C VAL A 258 17.02 2.55 13.18
N VAL A 259 15.73 2.88 13.29
CA VAL A 259 14.70 2.04 12.70
C VAL A 259 13.86 2.91 11.72
N ASP A 260 13.46 2.26 10.66
CA ASP A 260 12.49 2.84 9.68
C ASP A 260 11.19 2.21 10.03
N ALA A 261 10.19 3.04 10.28
CA ALA A 261 8.94 2.56 10.75
C ALA A 261 7.78 3.18 9.94
N VAL A 262 6.63 2.60 10.13
CA VAL A 262 5.35 3.12 9.67
C VAL A 262 4.49 3.36 10.88
N ILE A 263 4.04 4.58 11.00
CA ILE A 263 3.16 5.02 12.06
C ILE A 263 1.73 4.94 11.46
N TYR A 264 0.88 4.13 12.08
CA TYR A 264 -0.50 3.93 11.56
C TYR A 264 -1.62 4.54 12.44
N ASP A 265 -1.31 4.92 13.67
CA ASP A 265 -2.19 5.75 14.51
C ASP A 265 -1.49 6.67 15.46
N GLY A 266 -2.15 7.78 15.76
CA GLY A 266 -1.56 8.78 16.65
C GLY A 266 -0.48 9.65 16.10
N VAL A 267 0.33 10.16 17.04
CA VAL A 267 1.40 11.07 16.76
C VAL A 267 2.67 10.70 17.48
N LEU A 268 3.80 10.74 16.78
CA LEU A 268 5.08 10.42 17.32
C LEU A 268 5.85 11.65 17.42
N LYS A 269 6.36 11.95 18.63
CA LYS A 269 7.13 13.15 18.78
C LYS A 269 8.54 12.98 19.20
N LYS A 270 9.35 13.95 18.88
CA LYS A 270 10.70 13.98 19.40
C LYS A 270 10.59 14.02 20.99
N GLU A 271 11.43 13.24 21.64
CA GLU A 271 11.45 12.98 23.10
C GLU A 271 10.40 12.14 23.67
N ASP A 272 9.56 11.56 22.82
CA ASP A 272 8.61 10.55 23.33
C ASP A 272 9.32 9.28 23.85
N ILE A 273 8.79 8.72 24.90
CA ILE A 273 9.22 7.37 25.27
C ILE A 273 8.53 6.35 24.30
N ILE A 274 9.32 5.34 23.94
CA ILE A 274 8.80 4.25 23.10
C ILE A 274 9.23 2.93 23.64
N VAL A 275 8.38 1.96 23.37
CA VAL A 275 8.54 0.54 23.60
C VAL A 275 8.55 -0.23 22.27
N VAL A 276 9.57 -1.00 22.10
CA VAL A 276 9.75 -1.81 20.90
C VAL A 276 10.33 -3.16 21.27
N GLY A 277 10.09 -4.13 20.42
CA GLY A 277 10.57 -5.48 20.62
C GLY A 277 11.91 -5.71 20.20
N GLY A 278 12.72 -6.37 21.05
CA GLY A 278 14.04 -6.77 20.61
C GLY A 278 14.35 -8.25 20.93
N ARG A 279 15.52 -8.68 20.50
CA ARG A 279 15.91 -10.12 20.55
C ARG A 279 16.10 -10.53 22.02
N GLU A 280 16.54 -9.64 22.90
CA GLU A 280 16.73 -9.99 24.30
C GLU A 280 15.59 -9.47 25.18
N GLY A 281 14.47 -9.09 24.56
CA GLY A 281 13.29 -8.70 25.30
C GLY A 281 12.89 -7.27 24.84
N PRO A 282 11.86 -6.70 25.47
CA PRO A 282 11.29 -5.41 25.15
C PRO A 282 12.25 -4.34 25.48
N ILE A 283 12.40 -3.38 24.57
CA ILE A 283 13.28 -2.22 24.63
C ILE A 283 12.48 -0.99 24.99
N VAL A 284 12.93 -0.22 25.98
CA VAL A 284 12.22 1.00 26.43
C VAL A 284 13.19 2.01 26.25
N THR A 285 12.87 2.98 25.43
CA THR A 285 13.83 4.01 25.11
C THR A 285 13.12 5.36 24.89
N ARG A 286 13.85 6.26 24.32
CA ARG A 286 13.26 7.58 24.10
C ARG A 286 13.69 8.16 22.74
N VAL A 287 12.76 8.71 21.98
CA VAL A 287 13.14 9.27 20.66
C VAL A 287 14.12 10.41 20.76
N ARG A 288 15.29 10.27 20.19
CA ARG A 288 16.20 11.37 20.09
C ARG A 288 16.05 12.26 18.84
N ALA A 289 15.77 11.64 17.71
CA ALA A 289 15.51 12.43 16.48
C ALA A 289 14.45 11.66 15.63
N LEU A 290 13.59 12.42 14.93
CA LEU A 290 12.79 11.86 13.88
C LEU A 290 13.32 12.44 12.56
N LEU A 291 13.64 11.55 11.65
CA LEU A 291 14.26 11.96 10.32
C LEU A 291 13.29 11.66 9.16
N MET A 292 13.23 12.60 8.21
CA MET A 292 12.45 12.50 6.98
C MET A 292 13.36 12.94 5.81
N PRO A 293 12.97 12.55 4.60
CA PRO A 293 13.79 13.01 3.47
C PRO A 293 13.77 14.55 3.30
N ALA A 294 14.94 15.10 2.99
CA ALA A 294 15.11 16.55 2.68
C ALA A 294 14.35 16.85 1.42
N PRO A 295 13.81 18.09 1.28
CA PRO A 295 12.86 18.28 0.06
C PRO A 295 13.50 18.71 -1.29
N PHE A 306 18.55 13.96 4.48
CA PHE A 306 17.57 13.94 5.63
C PHE A 306 17.41 15.29 6.39
N VAL A 307 16.22 15.57 6.92
CA VAL A 307 15.94 16.65 7.81
C VAL A 307 15.25 16.12 9.07
N GLN A 308 15.49 16.75 10.21
CA GLN A 308 14.76 16.49 11.47
C GLN A 308 13.44 17.12 11.46
N VAL A 309 12.43 16.44 12.01
CA VAL A 309 11.13 17.01 12.23
C VAL A 309 10.82 16.84 13.68
N ASP A 310 9.94 17.67 14.21
CA ASP A 310 9.52 17.54 15.61
C ASP A 310 8.51 16.47 15.88
N ARG A 311 7.69 16.13 14.91
CA ARG A 311 6.67 15.09 15.04
C ARG A 311 6.19 14.60 13.69
N VAL A 312 5.56 13.45 13.71
CA VAL A 312 4.88 12.88 12.54
C VAL A 312 3.55 12.34 12.99
N TYR A 313 2.53 12.53 12.17
CA TYR A 313 1.23 12.02 12.35
C TYR A 313 0.96 10.81 11.45
N ALA A 314 0.20 9.89 11.95
CA ALA A 314 -0.30 8.79 11.12
C ALA A 314 -1.00 9.37 9.85
N ALA A 315 -0.80 8.78 8.68
CA ALA A 315 0.05 7.60 8.37
C ALA A 315 1.38 8.20 7.85
N ALA A 316 2.50 7.77 8.40
CA ALA A 316 3.79 8.18 8.00
C ALA A 316 4.81 7.08 7.95
N GLY A 317 5.81 7.27 7.09
CA GLY A 317 7.07 6.50 7.14
C GLY A 317 8.12 7.40 7.69
N VAL A 318 8.78 6.97 8.79
CA VAL A 318 9.70 7.88 9.46
C VAL A 318 10.89 7.04 9.88
N ARG A 319 12.00 7.71 10.05
CA ARG A 319 13.18 7.09 10.58
C ARG A 319 13.38 7.62 12.04
N ILE A 320 13.53 6.68 12.92
CA ILE A 320 13.54 6.98 14.40
C ILE A 320 14.97 6.66 14.97
N ALA A 321 15.66 7.69 15.44
CA ALA A 321 16.93 7.57 16.15
C ALA A 321 16.60 7.63 17.64
N ALA A 322 17.01 6.59 18.31
CA ALA A 322 16.83 6.44 19.78
C ALA A 322 17.96 5.57 20.25
N PRO A 323 18.44 5.80 21.49
CA PRO A 323 19.37 4.73 22.01
C PRO A 323 18.83 3.37 22.21
N GLY A 324 19.69 2.34 22.14
CA GLY A 324 19.35 1.00 22.43
C GLY A 324 18.52 0.18 21.49
N LEU A 325 18.57 0.55 20.23
CA LEU A 325 17.77 -0.13 19.20
C LEU A 325 18.58 -1.27 18.46
N ASP A 326 19.87 -1.50 18.83
CA ASP A 326 20.69 -2.51 18.15
C ASP A 326 20.01 -3.84 17.96
N ASP A 327 19.27 -4.31 18.93
CA ASP A 327 18.69 -5.65 18.87
C ASP A 327 17.19 -5.69 18.47
N VAL A 328 16.63 -4.56 17.99
CA VAL A 328 15.21 -4.53 17.55
C VAL A 328 14.95 -5.54 16.45
N ILE A 329 13.81 -6.18 16.52
CA ILE A 329 13.37 -7.16 15.57
C ILE A 329 12.50 -6.42 14.49
N ALA A 330 12.91 -6.46 13.24
CA ALA A 330 12.01 -6.05 12.13
C ALA A 330 10.65 -6.75 12.20
N GLY A 331 9.59 -5.98 12.03
CA GLY A 331 8.28 -6.41 12.20
C GLY A 331 7.71 -6.06 13.55
N SER A 332 8.61 -5.63 14.45
CA SER A 332 8.13 -5.38 15.81
C SER A 332 7.17 -4.25 15.86
N PRO A 333 6.15 -4.35 16.69
CA PRO A 333 5.37 -3.18 17.03
C PRO A 333 6.23 -2.12 17.68
N ILE A 334 5.78 -0.87 17.53
CA ILE A 334 6.32 0.24 18.27
C ILE A 334 5.22 1.09 18.85
N TYR A 335 5.29 1.36 20.16
CA TYR A 335 4.23 2.03 20.90
C TYR A 335 4.84 3.17 21.65
N ALA A 336 4.45 4.41 21.36
CA ALA A 336 4.76 5.47 22.23
C ALA A 336 3.96 5.41 23.57
N ALA A 337 4.52 6.11 24.55
CA ALA A 337 4.02 6.07 25.94
C ALA A 337 4.09 7.44 26.56
N GLU A 338 3.07 7.91 27.30
CA GLU A 338 3.12 9.25 27.90
C GLU A 338 4.07 9.30 29.14
N SER A 339 4.29 8.15 29.79
CA SER A 339 5.13 8.08 30.99
C SER A 339 5.90 6.81 31.09
N GLU A 340 6.91 6.81 31.98
CA GLU A 340 7.69 5.59 32.23
C GLU A 340 6.79 4.49 32.77
N GLU A 341 5.75 4.82 33.54
CA GLU A 341 4.95 3.81 34.10
C GLU A 341 4.02 3.17 33.02
N GLU A 342 3.52 3.99 32.12
CA GLU A 342 2.69 3.36 31.05
C GLU A 342 3.59 2.50 30.08
N ALA A 343 4.84 2.91 29.95
CA ALA A 343 5.85 2.14 29.17
C ALA A 343 6.05 0.81 29.73
N ARG A 344 6.17 0.73 31.07
CA ARG A 344 6.38 -0.54 31.66
C ARG A 344 5.25 -1.48 31.47
N LYS A 345 4.05 -0.91 31.57
CA LYS A 345 2.86 -1.71 31.32
C LYS A 345 2.78 -2.23 29.86
N LEU A 346 3.37 -1.55 28.87
CA LEU A 346 3.40 -2.00 27.49
C LEU A 346 4.37 -3.12 27.19
N MET A 347 5.34 -3.39 28.06
CA MET A 347 6.42 -4.22 27.70
C MET A 347 5.85 -5.61 27.61
N GLU A 348 4.89 -5.97 28.46
CA GLU A 348 4.39 -7.42 28.31
C GLU A 348 3.65 -7.61 26.95
N ALA A 349 2.89 -6.60 26.52
CA ALA A 349 2.12 -6.71 25.23
C ALA A 349 3.08 -6.86 24.07
N VAL A 350 4.12 -6.03 24.09
CA VAL A 350 5.10 -6.12 23.08
C VAL A 350 5.75 -7.44 23.01
N GLN A 351 6.13 -8.01 24.18
CA GLN A 351 6.72 -9.34 24.08
C GLN A 351 5.73 -10.41 23.54
N ARG A 352 4.50 -10.37 24.00
CA ARG A 352 3.44 -11.28 23.54
C ARG A 352 3.26 -11.18 21.97
N GLU A 353 3.31 -9.94 21.48
CA GLU A 353 3.27 -9.70 19.98
C GLU A 353 4.40 -10.25 19.26
N ILE A 354 5.61 -10.02 19.74
CA ILE A 354 6.76 -10.55 19.18
C ILE A 354 6.72 -12.11 19.11
N GLU A 355 6.17 -12.71 20.14
CA GLU A 355 6.09 -14.19 20.17
C GLU A 355 5.12 -14.67 19.10
N GLU A 356 3.94 -14.06 18.99
CA GLU A 356 3.02 -14.50 17.91
C GLU A 356 3.62 -14.30 16.48
N LEU A 357 4.59 -13.43 16.34
CA LEU A 357 5.18 -13.16 15.04
C LEU A 357 6.32 -14.10 14.70
N ARG A 358 6.92 -14.78 15.68
CA ARG A 358 8.01 -15.82 15.39
C ARG A 358 7.52 -17.18 14.81
N ASP B 11 -24.17 -0.39 -4.82
CA ASP B 11 -22.73 0.00 -4.88
C ASP B 11 -22.47 1.36 -4.28
N LEU B 12 -22.10 1.37 -3.00
CA LEU B 12 -21.77 2.64 -2.40
C LEU B 12 -20.48 3.35 -2.87
N SER B 13 -19.57 2.63 -3.50
CA SER B 13 -18.34 3.29 -3.98
C SER B 13 -18.59 4.11 -5.17
N GLY B 14 -19.61 3.75 -5.93
CA GLY B 14 -19.88 4.48 -7.20
C GLY B 14 -18.97 3.99 -8.35
N LEU B 15 -18.08 3.02 -8.12
CA LEU B 15 -17.15 2.57 -9.18
C LEU B 15 -17.85 1.72 -10.23
N SER B 16 -19.06 1.15 -9.95
CA SER B 16 -19.82 0.47 -10.92
C SER B 16 -20.42 1.40 -11.99
N GLY B 17 -20.20 2.65 -11.86
CA GLY B 17 -20.25 3.58 -13.02
C GLY B 17 -19.40 3.17 -14.23
N MET B 18 -18.44 2.23 -14.02
CA MET B 18 -17.53 1.74 -15.09
C MET B 18 -18.03 0.48 -15.77
N PHE B 19 -19.20 0.01 -15.35
CA PHE B 19 -19.62 -1.25 -15.68
C PHE B 19 -19.98 -1.18 -17.27
N GLY B 20 -19.50 -2.08 -18.12
CA GLY B 20 -19.80 -2.10 -19.48
C GLY B 20 -18.67 -1.65 -20.38
N PHE B 21 -17.70 -0.95 -19.84
CA PHE B 21 -16.51 -0.53 -20.60
C PHE B 21 -15.42 -1.62 -20.91
#